data_3QYC
#
_entry.id   3QYC
#
_cell.length_a   39.805
_cell.length_b   76.989
_cell.length_c   81.358
_cell.angle_alpha   90.00
_cell.angle_beta   90.00
_cell.angle_gamma   90.00
#
_symmetry.space_group_name_H-M   'P 21 21 21'
#
loop_
_entity.id
_entity.type
_entity.pdbx_description
1 polymer 'VH domain of IgG molecule'
2 water water
#
_entity_poly.entity_id   1
_entity_poly.type   'polypeptide(L)'
_entity_poly.pdbx_seq_one_letter_code
;QAQVQLVESGGGLIKPGGSLRLSCAASGVRLSAYDMAWVRQAPGKGLEWVSAISSSGGSTYYADSVKGRFTISRDNSKNT
VYLQMNSLRAEDTAVYYCVTLPDLCPGDNCTYPDASWGQGTMVTVSSGSEQKLISEEDLNHHHHHH
;
_entity_poly.pdbx_strand_id   A,B
#
# COMPACT_ATOMS: atom_id res chain seq x y z
N VAL A 4 -10.39 2.94 -12.88
CA VAL A 4 -10.16 3.86 -11.73
C VAL A 4 -8.82 4.57 -11.86
N GLN A 5 -8.81 5.88 -11.63
CA GLN A 5 -7.58 6.67 -11.72
C GLN A 5 -7.47 7.66 -10.57
N LEU A 6 -6.31 7.67 -9.92
CA LEU A 6 -6.03 8.57 -8.81
C LEU A 6 -4.97 9.60 -9.21
N VAL A 7 -5.24 10.87 -8.93
CA VAL A 7 -4.30 11.93 -9.26
C VAL A 7 -4.09 12.84 -8.05
N GLU A 8 -2.87 12.85 -7.54
CA GLU A 8 -2.53 13.66 -6.38
C GLU A 8 -2.06 15.06 -6.76
N SER A 9 -2.38 16.03 -5.91
CA SER A 9 -1.97 17.42 -6.13
C SER A 9 -1.70 18.06 -4.78
N GLY A 10 -1.04 19.22 -4.80
CA GLY A 10 -0.73 19.92 -3.56
C GLY A 10 0.72 19.81 -3.16
N GLY A 11 1.46 18.93 -3.82
CA GLY A 11 2.86 18.75 -3.51
C GLY A 11 3.71 19.95 -3.90
N GLY A 12 4.89 20.05 -3.28
CA GLY A 12 5.76 21.17 -3.60
C GLY A 12 6.81 21.43 -2.55
N LEU A 13 7.43 22.62 -2.63
CA LEU A 13 8.46 23.01 -1.69
C LEU A 13 7.87 23.89 -0.60
N ILE A 14 8.26 23.62 0.65
CA ILE A 14 7.79 24.38 1.78
C ILE A 14 8.85 24.38 2.88
N LYS A 15 8.87 25.44 3.69
CA LYS A 15 9.82 25.55 4.77
C LYS A 15 9.43 24.73 5.98
N PRO A 16 10.42 24.33 6.80
CA PRO A 16 10.12 23.55 7.99
C PRO A 16 9.20 24.40 8.86
N GLY A 17 8.16 23.77 9.41
CA GLY A 17 7.20 24.49 10.24
C GLY A 17 5.94 24.81 9.47
N GLY A 18 6.01 24.68 8.15
CA GLY A 18 4.87 24.99 7.31
C GLY A 18 3.76 23.96 7.33
N SER A 19 2.68 24.27 6.62
CA SER A 19 1.53 23.38 6.53
C SER A 19 1.07 23.26 5.08
N LEU A 20 0.81 22.04 4.65
CA LEU A 20 0.37 21.77 3.29
C LEU A 20 -0.80 20.79 3.31
N ARG A 21 -1.70 20.92 2.35
CA ARG A 21 -2.82 20.00 2.26
C ARG A 21 -2.74 19.30 0.91
N LEU A 22 -2.51 17.99 0.93
CA LEU A 22 -2.45 17.24 -0.32
C LEU A 22 -3.87 16.76 -0.61
N SER A 23 -4.18 16.58 -1.89
CA SER A 23 -5.50 16.10 -2.26
C SER A 23 -5.35 15.05 -3.34
N CYS A 24 -6.35 14.18 -3.45
CA CYS A 24 -6.34 13.15 -4.46
C CYS A 24 -7.74 12.99 -5.00
N ALA A 25 -7.89 13.19 -6.30
CA ALA A 25 -9.18 13.06 -6.95
C ALA A 25 -9.25 11.75 -7.71
N ALA A 26 -10.38 11.06 -7.59
CA ALA A 26 -10.58 9.79 -8.26
C ALA A 26 -11.58 9.94 -9.40
N SER A 27 -11.29 9.30 -10.53
CA SER A 27 -12.18 9.33 -11.68
C SER A 27 -12.43 7.89 -12.16
N GLY A 28 -13.59 7.66 -12.75
CA GLY A 28 -13.89 6.33 -13.23
C GLY A 28 -14.69 5.47 -12.27
N VAL A 29 -14.53 5.75 -10.97
CA VAL A 29 -15.25 5.01 -9.94
C VAL A 29 -15.49 5.97 -8.77
N ARG A 30 -16.69 5.95 -8.19
CA ARG A 30 -16.97 6.84 -7.08
C ARG A 30 -16.02 6.52 -5.94
N LEU A 31 -15.41 7.56 -5.37
CA LEU A 31 -14.46 7.39 -4.27
C LEU A 31 -15.05 6.66 -3.08
N SER A 32 -16.36 6.82 -2.88
CA SER A 32 -17.07 6.20 -1.76
C SER A 32 -16.93 4.68 -1.68
N ALA A 33 -16.57 4.03 -2.78
CA ALA A 33 -16.42 2.58 -2.78
C ALA A 33 -15.12 2.17 -2.10
N TYR A 34 -14.21 3.11 -1.92
CA TYR A 34 -12.89 2.80 -1.38
C TYR A 34 -12.46 3.32 -0.02
N ASP A 35 -11.71 2.47 0.68
CA ASP A 35 -11.08 2.89 1.92
C ASP A 35 -9.81 3.42 1.25
N MET A 36 -9.34 4.60 1.65
CA MET A 36 -8.17 5.22 1.03
C MET A 36 -6.99 5.37 1.97
N ALA A 37 -5.80 5.55 1.41
CA ALA A 37 -4.61 5.71 2.23
C ALA A 37 -3.52 6.52 1.55
N TRP A 38 -2.58 7.01 2.37
CA TRP A 38 -1.45 7.75 1.86
C TRP A 38 -0.20 6.98 2.27
N VAL A 39 0.71 6.83 1.31
CA VAL A 39 1.97 6.12 1.52
C VAL A 39 3.06 7.07 1.06
N ARG A 40 4.21 7.05 1.71
CA ARG A 40 5.28 7.94 1.30
C ARG A 40 6.61 7.22 1.19
N GLN A 41 7.52 7.80 0.42
CA GLN A 41 8.85 7.23 0.26
C GLN A 41 9.87 8.36 0.27
N ALA A 42 10.57 8.47 1.38
CA ALA A 42 11.58 9.50 1.56
C ALA A 42 12.84 9.11 0.79
N PRO A 43 13.65 10.10 0.43
CA PRO A 43 14.89 9.84 -0.30
C PRO A 43 15.76 8.83 0.43
N GLY A 44 16.11 7.74 -0.26
CA GLY A 44 16.96 6.71 0.32
C GLY A 44 16.32 5.76 1.31
N LYS A 45 15.01 5.88 1.52
CA LYS A 45 14.33 5.01 2.46
C LYS A 45 13.25 4.18 1.78
N GLY A 46 12.77 3.16 2.49
CA GLY A 46 11.73 2.31 1.95
C GLY A 46 10.39 2.98 2.11
N LEU A 47 9.35 2.36 1.56
CA LEU A 47 8.00 2.91 1.65
C LEU A 47 7.49 2.84 3.08
N GLU A 48 6.58 3.77 3.41
CA GLU A 48 6.02 3.85 4.74
C GLU A 48 4.58 4.29 4.71
N TRP A 49 3.73 3.60 5.47
CA TRP A 49 2.33 3.97 5.55
C TRP A 49 2.28 5.30 6.30
N VAL A 50 1.42 6.20 5.86
CA VAL A 50 1.28 7.48 6.53
C VAL A 50 -0.07 7.59 7.22
N SER A 51 -1.14 7.40 6.46
CA SER A 51 -2.48 7.49 7.02
C SER A 51 -3.50 6.74 6.15
N ALA A 52 -4.66 6.46 6.72
CA ALA A 52 -5.71 5.78 5.96
C ALA A 52 -7.07 6.18 6.52
N ILE A 53 -8.10 6.03 5.69
CA ILE A 53 -9.44 6.41 6.09
C ILE A 53 -10.50 5.51 5.46
N SER A 54 -11.50 5.13 6.24
CA SER A 54 -12.56 4.25 5.73
C SER A 54 -13.42 5.02 4.73
N SER A 55 -14.20 4.29 3.94
CA SER A 55 -15.06 4.90 2.95
C SER A 55 -16.02 5.93 3.56
N SER A 56 -16.49 5.68 4.78
CA SER A 56 -17.41 6.60 5.43
C SER A 56 -16.67 7.76 6.09
N GLY A 57 -15.40 7.54 6.39
CA GLY A 57 -14.60 8.57 7.04
C GLY A 57 -14.64 8.45 8.55
N GLY A 58 -15.35 7.44 9.04
CA GLY A 58 -15.48 7.25 10.47
C GLY A 58 -14.31 6.55 11.16
N SER A 59 -13.45 5.90 10.38
CA SER A 59 -12.31 5.21 10.95
C SER A 59 -11.04 5.68 10.27
N THR A 60 -9.98 5.91 11.06
CA THR A 60 -8.74 6.38 10.48
C THR A 60 -7.51 5.71 11.08
N TYR A 61 -6.39 5.81 10.34
CA TYR A 61 -5.11 5.26 10.76
C TYR A 61 -4.03 6.33 10.60
N TYR A 62 -3.08 6.35 11.53
CA TYR A 62 -1.96 7.30 11.45
C TYR A 62 -0.69 6.63 11.92
N ALA A 63 0.40 6.81 11.16
CA ALA A 63 1.69 6.27 11.56
C ALA A 63 2.09 7.09 12.79
N ASP A 64 2.82 6.49 13.72
CA ASP A 64 3.24 7.20 14.92
C ASP A 64 4.04 8.46 14.59
N SER A 65 4.81 8.39 13.50
CA SER A 65 5.65 9.50 13.07
C SER A 65 4.91 10.78 12.69
N VAL A 66 3.62 10.65 12.37
CA VAL A 66 2.84 11.83 11.98
C VAL A 66 1.61 12.08 12.83
N LYS A 67 1.36 11.21 13.80
CA LYS A 67 0.23 11.34 14.70
C LYS A 67 0.20 12.74 15.32
N GLY A 68 -0.97 13.38 15.31
CA GLY A 68 -1.08 14.70 15.89
C GLY A 68 -0.79 15.84 14.94
N ARG A 69 0.09 15.62 13.96
CA ARG A 69 0.43 16.67 13.00
C ARG A 69 -0.33 16.53 11.69
N PHE A 70 -0.63 15.29 11.31
CA PHE A 70 -1.34 15.00 10.07
C PHE A 70 -2.79 14.60 10.32
N THR A 71 -3.68 15.01 9.43
CA THR A 71 -5.08 14.66 9.55
C THR A 71 -5.60 14.26 8.18
N ILE A 72 -6.21 13.08 8.10
CA ILE A 72 -6.76 12.61 6.83
C ILE A 72 -8.26 12.85 6.86
N SER A 73 -8.82 13.20 5.71
CA SER A 73 -10.25 13.43 5.60
C SER A 73 -10.66 13.17 4.16
N ARG A 74 -11.97 13.20 3.90
CA ARG A 74 -12.44 12.96 2.56
C ARG A 74 -13.80 13.63 2.30
N ASP A 75 -14.07 13.86 1.03
CA ASP A 75 -15.34 14.45 0.60
C ASP A 75 -15.76 13.57 -0.57
N ASN A 76 -16.59 12.58 -0.28
CA ASN A 76 -17.03 11.67 -1.33
C ASN A 76 -17.83 12.36 -2.41
N SER A 77 -18.55 13.41 -2.06
CA SER A 77 -19.35 14.14 -3.04
C SER A 77 -18.44 14.76 -4.10
N LYS A 78 -17.18 15.01 -3.73
CA LYS A 78 -16.21 15.58 -4.66
C LYS A 78 -15.21 14.51 -5.08
N ASN A 79 -15.46 13.27 -4.67
CA ASN A 79 -14.58 12.16 -4.99
C ASN A 79 -13.13 12.49 -4.71
N THR A 80 -12.90 13.18 -3.59
CA THR A 80 -11.55 13.58 -3.21
C THR A 80 -11.20 13.20 -1.77
N VAL A 81 -9.93 12.86 -1.55
CA VAL A 81 -9.44 12.52 -0.22
C VAL A 81 -8.32 13.52 0.05
N TYR A 82 -8.17 13.94 1.30
CA TYR A 82 -7.15 14.93 1.65
C TYR A 82 -6.22 14.46 2.75
N LEU A 83 -5.04 15.09 2.80
CA LEU A 83 -4.07 14.81 3.85
C LEU A 83 -3.53 16.15 4.28
N GLN A 84 -4.01 16.64 5.42
CA GLN A 84 -3.56 17.91 5.95
C GLN A 84 -2.27 17.64 6.71
N MET A 85 -1.19 18.31 6.32
CA MET A 85 0.11 18.11 6.97
C MET A 85 0.58 19.39 7.65
N ASN A 86 0.53 19.39 8.98
CA ASN A 86 0.93 20.57 9.74
C ASN A 86 2.31 20.44 10.39
N SER A 87 2.87 21.57 10.76
CA SER A 87 4.20 21.62 11.40
C SER A 87 5.16 20.65 10.73
N LEU A 88 5.32 20.80 9.43
CA LEU A 88 6.20 19.94 8.66
C LEU A 88 7.66 19.99 9.08
N ARG A 89 8.34 18.85 8.95
CA ARG A 89 9.73 18.71 9.31
C ARG A 89 10.52 18.22 8.10
N ALA A 90 11.82 18.46 8.10
CA ALA A 90 12.66 18.04 6.99
C ALA A 90 12.47 16.55 6.70
N GLU A 91 12.32 15.74 7.75
CA GLU A 91 12.14 14.30 7.58
C GLU A 91 10.80 13.92 6.95
N ASP A 92 9.93 14.89 6.72
CA ASP A 92 8.65 14.60 6.08
C ASP A 92 8.82 14.69 4.57
N THR A 93 10.03 15.05 4.13
CA THR A 93 10.32 15.15 2.72
C THR A 93 10.20 13.77 2.09
N ALA A 94 9.39 13.65 1.04
CA ALA A 94 9.19 12.36 0.39
C ALA A 94 8.18 12.46 -0.73
N VAL A 95 8.06 11.39 -1.52
CA VAL A 95 7.04 11.36 -2.56
C VAL A 95 5.83 10.77 -1.83
N TYR A 96 4.67 11.42 -1.97
CA TYR A 96 3.46 10.93 -1.32
C TYR A 96 2.51 10.34 -2.35
N TYR A 97 2.08 9.12 -2.08
CA TYR A 97 1.16 8.41 -2.96
C TYR A 97 -0.19 8.22 -2.32
N CYS A 98 -1.25 8.46 -3.08
CA CYS A 98 -2.58 8.20 -2.57
C CYS A 98 -2.96 6.87 -3.22
N VAL A 99 -3.48 5.96 -2.41
CA VAL A 99 -3.85 4.64 -2.88
C VAL A 99 -5.15 4.15 -2.28
N THR A 100 -5.77 3.18 -2.94
CA THR A 100 -6.99 2.59 -2.41
C THR A 100 -6.50 1.38 -1.62
N LEU A 101 -7.29 0.91 -0.66
CA LEU A 101 -6.92 -0.27 0.09
C LEU A 101 -7.73 -1.43 -0.49
N PRO A 102 -7.07 -2.56 -0.77
CA PRO A 102 -7.78 -3.70 -1.34
C PRO A 102 -9.04 -4.15 -0.60
N ASP A 103 -10.05 -4.57 -1.36
CA ASP A 103 -11.27 -5.10 -0.80
C ASP A 103 -11.11 -6.61 -0.95
N LEU A 104 -11.19 -7.31 0.18
CA LEU A 104 -11.00 -8.75 0.22
C LEU A 104 -12.30 -9.53 0.03
N CYS A 105 -12.20 -10.67 -0.65
CA CYS A 105 -13.37 -11.50 -0.93
C CYS A 105 -13.15 -12.96 -0.58
N PRO A 106 -14.14 -13.58 0.08
CA PRO A 106 -14.02 -15.00 0.45
C PRO A 106 -14.28 -15.80 -0.83
N GLY A 107 -13.22 -16.06 -1.57
CA GLY A 107 -13.35 -16.78 -2.83
C GLY A 107 -13.54 -15.73 -3.93
N ASP A 108 -13.71 -16.16 -5.17
CA ASP A 108 -13.90 -15.21 -6.27
C ASP A 108 -15.39 -15.01 -6.49
N ASN A 109 -16.06 -14.48 -5.48
CA ASN A 109 -17.50 -14.27 -5.51
C ASN A 109 -17.92 -12.81 -5.36
N CYS A 110 -17.01 -11.88 -5.60
CA CYS A 110 -17.35 -10.48 -5.45
C CYS A 110 -17.30 -9.67 -6.74
N THR A 111 -17.86 -8.47 -6.69
CA THR A 111 -17.86 -7.58 -7.84
C THR A 111 -17.36 -6.20 -7.44
N TYR A 112 -16.31 -6.18 -6.63
CA TYR A 112 -15.70 -4.93 -6.18
C TYR A 112 -14.90 -4.28 -7.31
N PRO A 113 -14.77 -2.95 -7.28
CA PRO A 113 -13.98 -2.30 -8.32
C PRO A 113 -12.53 -2.61 -8.01
N ASP A 114 -11.64 -2.51 -8.99
CA ASP A 114 -10.23 -2.82 -8.79
C ASP A 114 -9.50 -1.79 -7.93
N ALA A 115 -8.44 -2.23 -7.27
CA ALA A 115 -7.63 -1.37 -6.43
C ALA A 115 -6.73 -0.54 -7.33
N SER A 116 -6.22 0.57 -6.80
CA SER A 116 -5.37 1.43 -7.61
C SER A 116 -4.35 2.21 -6.79
N TRP A 117 -3.32 2.69 -7.48
CA TRP A 117 -2.25 3.49 -6.90
C TRP A 117 -2.13 4.78 -7.67
N GLY A 118 -1.94 5.89 -6.96
CA GLY A 118 -1.75 7.15 -7.64
C GLY A 118 -0.35 7.24 -8.20
N GLN A 119 -0.06 8.31 -8.93
CA GLN A 119 1.25 8.51 -9.53
C GLN A 119 2.25 9.14 -8.55
N GLY A 120 1.71 9.73 -7.48
CA GLY A 120 2.56 10.35 -6.47
C GLY A 120 2.82 11.82 -6.69
N THR A 121 3.11 12.53 -5.60
CA THR A 121 3.41 13.96 -5.66
C THR A 121 4.54 14.22 -4.67
N MET A 122 5.53 14.99 -5.10
CA MET A 122 6.67 15.28 -4.25
C MET A 122 6.46 16.41 -3.25
N VAL A 123 6.88 16.17 -2.01
CA VAL A 123 6.79 17.17 -0.96
C VAL A 123 8.20 17.34 -0.44
N THR A 124 8.73 18.54 -0.55
CA THR A 124 10.08 18.83 -0.09
C THR A 124 10.03 19.88 1.01
N VAL A 125 10.46 19.50 2.20
CA VAL A 125 10.46 20.41 3.34
C VAL A 125 11.90 20.82 3.59
N SER A 126 12.25 22.03 3.15
CA SER A 126 13.61 22.52 3.30
C SER A 126 13.68 24.04 3.34
N SER A 127 14.83 24.55 3.78
CA SER A 127 15.09 25.98 3.86
C SER A 127 16.61 26.18 3.86
N GLY A 128 17.05 27.39 3.57
CA GLY A 128 18.48 27.67 3.55
C GLY A 128 19.21 26.97 2.42
N GLN B 5 11.04 -6.12 11.25
CA GLN B 5 10.92 -5.80 9.80
C GLN B 5 10.48 -7.00 8.98
N LEU B 6 9.76 -6.72 7.90
CA LEU B 6 9.28 -7.75 6.98
C LEU B 6 10.38 -8.04 5.96
N VAL B 7 10.61 -9.33 5.71
CA VAL B 7 11.64 -9.72 4.74
C VAL B 7 11.09 -10.69 3.71
N GLU B 8 11.14 -10.29 2.44
CA GLU B 8 10.65 -11.14 1.35
C GLU B 8 11.78 -11.99 0.80
N SER B 9 11.45 -13.22 0.45
CA SER B 9 12.41 -14.14 -0.14
C SER B 9 11.72 -15.02 -1.19
N GLY B 10 12.48 -15.87 -1.86
CA GLY B 10 11.91 -16.74 -2.86
C GLY B 10 11.80 -16.10 -4.24
N GLY B 11 12.48 -14.97 -4.42
CA GLY B 11 12.45 -14.29 -5.70
C GLY B 11 13.64 -14.66 -6.55
N GLY B 12 14.11 -13.71 -7.36
CA GLY B 12 15.26 -13.98 -8.20
C GLY B 12 14.91 -14.26 -9.64
N LEU B 13 15.84 -14.91 -10.34
CA LEU B 13 15.66 -15.24 -11.75
C LEU B 13 14.72 -16.43 -11.96
N ILE B 14 13.91 -16.34 -13.01
CA ILE B 14 12.97 -17.40 -13.34
C ILE B 14 12.71 -17.33 -14.85
N LYS B 15 12.71 -18.49 -15.50
CA LYS B 15 12.50 -18.54 -16.94
C LYS B 15 11.05 -18.23 -17.28
N PRO B 16 10.81 -17.66 -18.47
CA PRO B 16 9.47 -17.31 -18.93
C PRO B 16 8.54 -18.51 -18.84
N GLY B 17 7.33 -18.28 -18.33
CA GLY B 17 6.35 -19.34 -18.18
C GLY B 17 6.53 -20.12 -16.88
N GLY B 18 7.62 -19.84 -16.18
CA GLY B 18 7.90 -20.54 -14.94
C GLY B 18 7.08 -20.04 -13.76
N SER B 19 7.35 -20.64 -12.59
CA SER B 19 6.65 -20.29 -11.36
C SER B 19 7.63 -20.01 -10.24
N LEU B 20 7.19 -19.16 -9.31
CA LEU B 20 7.98 -18.81 -8.15
C LEU B 20 7.02 -18.66 -6.98
N ARG B 21 7.49 -18.98 -5.78
CA ARG B 21 6.66 -18.78 -4.60
C ARG B 21 7.42 -17.86 -3.67
N LEU B 22 6.94 -16.62 -3.56
CA LEU B 22 7.58 -15.65 -2.69
C LEU B 22 7.08 -15.90 -1.28
N SER B 23 7.93 -15.62 -0.31
CA SER B 23 7.58 -15.79 1.10
C SER B 23 7.92 -14.50 1.83
N CYS B 24 7.18 -14.22 2.89
CA CYS B 24 7.45 -13.05 3.70
C CYS B 24 7.40 -13.50 5.15
N ALA B 25 8.45 -13.19 5.88
CA ALA B 25 8.53 -13.53 7.31
C ALA B 25 8.86 -12.22 8.00
N ALA B 26 8.66 -12.16 9.31
CA ALA B 26 8.94 -10.91 10.00
C ALA B 26 9.51 -11.07 11.39
N SER B 27 10.30 -10.08 11.78
CA SER B 27 10.91 -10.05 13.10
C SER B 27 10.40 -8.78 13.77
N GLY B 28 9.82 -8.94 14.95
CA GLY B 28 9.30 -7.81 15.68
C GLY B 28 7.90 -7.42 15.21
N VAL B 29 7.28 -8.33 14.46
CA VAL B 29 5.93 -8.13 13.94
C VAL B 29 5.23 -9.48 13.84
N ARG B 30 4.04 -9.59 14.41
CA ARG B 30 3.28 -10.84 14.36
C ARG B 30 2.34 -10.78 13.16
N LEU B 31 2.79 -11.30 12.02
CA LEU B 31 2.00 -11.25 10.80
C LEU B 31 0.57 -11.78 10.88
N SER B 32 0.36 -12.86 11.63
CA SER B 32 -0.98 -13.44 11.75
C SER B 32 -2.07 -12.48 12.23
N ALA B 33 -1.67 -11.38 12.87
CA ALA B 33 -2.64 -10.41 13.37
C ALA B 33 -2.99 -9.33 12.34
N TYR B 34 -2.44 -9.45 11.14
CA TYR B 34 -2.66 -8.44 10.11
C TYR B 34 -3.20 -8.97 8.78
N ASP B 35 -3.98 -8.13 8.11
CA ASP B 35 -4.42 -8.46 6.75
C ASP B 35 -3.10 -8.11 6.03
N MET B 36 -2.71 -8.90 5.04
CA MET B 36 -1.45 -8.65 4.35
C MET B 36 -1.63 -8.49 2.85
N ALA B 37 -0.64 -7.92 2.19
CA ALA B 37 -0.71 -7.73 0.76
C ALA B 37 0.65 -7.73 0.08
N TRP B 38 0.62 -7.84 -1.24
CA TRP B 38 1.85 -7.80 -2.02
C TRP B 38 1.69 -6.67 -3.01
N VAL B 39 2.75 -5.89 -3.16
CA VAL B 39 2.80 -4.74 -4.06
C VAL B 39 4.04 -4.92 -4.94
N ARG B 40 4.01 -4.41 -6.16
CA ARG B 40 5.19 -4.55 -7.00
C ARG B 40 5.46 -3.29 -7.81
N GLN B 41 6.70 -3.15 -8.24
CA GLN B 41 7.08 -2.02 -9.06
C GLN B 41 8.01 -2.52 -10.14
N ALA B 42 7.52 -2.50 -11.38
CA ALA B 42 8.30 -2.93 -12.53
C ALA B 42 9.22 -1.78 -12.92
N PRO B 43 10.35 -2.08 -13.56
CA PRO B 43 11.29 -1.05 -13.97
C PRO B 43 10.60 0.05 -14.79
N GLY B 44 10.79 1.30 -14.38
CA GLY B 44 10.21 2.43 -15.09
C GLY B 44 8.72 2.62 -14.93
N LYS B 45 8.11 1.80 -14.09
CA LYS B 45 6.67 1.91 -13.86
C LYS B 45 6.39 2.31 -12.43
N GLY B 46 5.14 2.66 -12.17
CA GLY B 46 4.75 3.05 -10.82
C GLY B 46 4.39 1.81 -10.01
N LEU B 47 4.27 1.99 -8.70
CA LEU B 47 3.91 0.90 -7.82
C LEU B 47 2.45 0.51 -8.09
N GLU B 48 2.14 -0.76 -7.84
CA GLU B 48 0.78 -1.25 -8.04
C GLU B 48 0.46 -2.44 -7.15
N TRP B 49 -0.82 -2.57 -6.79
CA TRP B 49 -1.28 -3.69 -5.98
C TRP B 49 -1.20 -4.98 -6.76
N VAL B 50 -0.80 -6.06 -6.10
CA VAL B 50 -0.73 -7.37 -6.74
C VAL B 50 -1.80 -8.28 -6.16
N SER B 51 -1.69 -8.46 -4.79
CA SER B 51 -2.68 -9.36 -4.19
C SER B 51 -2.78 -9.08 -2.69
N ALA B 52 -3.89 -9.49 -2.04
CA ALA B 52 -4.03 -9.27 -0.60
C ALA B 52 -4.76 -10.45 0.02
N ILE B 53 -4.59 -10.61 1.34
CA ILE B 53 -5.22 -11.71 2.06
C ILE B 53 -5.57 -11.30 3.49
N SER B 54 -6.73 -11.76 3.97
CA SER B 54 -7.17 -11.40 5.31
C SER B 54 -6.30 -12.09 6.35
N SER B 55 -6.32 -11.56 7.57
CA SER B 55 -5.54 -12.13 8.65
C SER B 55 -5.85 -13.61 8.80
N SER B 56 -7.12 -13.99 8.73
CA SER B 56 -7.50 -15.39 8.86
C SER B 56 -7.12 -16.19 7.62
N GLY B 57 -6.98 -15.49 6.50
CA GLY B 57 -6.61 -16.16 5.26
C GLY B 57 -7.82 -16.60 4.46
N GLY B 58 -9.02 -16.29 4.97
CA GLY B 58 -10.24 -16.69 4.29
C GLY B 58 -10.69 -15.80 3.14
N SER B 59 -10.18 -14.58 3.10
CA SER B 59 -10.55 -13.64 2.04
C SER B 59 -9.32 -13.15 1.29
N THR B 60 -9.47 -12.95 -0.02
CA THR B 60 -8.35 -12.54 -0.85
C THR B 60 -8.70 -11.54 -1.95
N TYR B 61 -7.67 -10.99 -2.57
CA TYR B 61 -7.80 -10.03 -3.67
C TYR B 61 -6.67 -10.27 -4.67
N TYR B 62 -6.97 -10.07 -5.95
CA TYR B 62 -5.98 -10.21 -7.01
C TYR B 62 -6.18 -9.12 -8.04
N ALA B 63 -5.08 -8.49 -8.44
CA ALA B 63 -5.14 -7.45 -9.47
C ALA B 63 -5.53 -8.18 -10.75
N ASP B 64 -6.23 -7.47 -11.64
CA ASP B 64 -6.66 -8.07 -12.89
C ASP B 64 -5.54 -8.71 -13.71
N SER B 65 -4.38 -8.08 -13.72
CA SER B 65 -3.24 -8.58 -14.50
C SER B 65 -2.66 -9.91 -14.03
N VAL B 66 -2.93 -10.29 -12.78
CA VAL B 66 -2.40 -11.54 -12.26
C VAL B 66 -3.44 -12.57 -11.81
N LYS B 67 -4.70 -12.16 -11.75
CA LYS B 67 -5.77 -13.06 -11.33
C LYS B 67 -5.82 -14.28 -12.25
N GLY B 68 -5.84 -15.46 -11.66
CA GLY B 68 -5.89 -16.69 -12.45
C GLY B 68 -4.51 -17.29 -12.65
N ARG B 69 -3.48 -16.48 -12.37
CA ARG B 69 -2.09 -16.91 -12.51
C ARG B 69 -1.39 -16.97 -11.16
N PHE B 70 -1.83 -16.14 -10.23
CA PHE B 70 -1.24 -16.05 -8.89
C PHE B 70 -2.16 -16.58 -7.80
N THR B 71 -1.54 -17.02 -6.70
CA THR B 71 -2.29 -17.52 -5.56
C THR B 71 -1.61 -17.04 -4.29
N ILE B 72 -2.35 -16.30 -3.47
CA ILE B 72 -1.79 -15.81 -2.22
C ILE B 72 -2.30 -16.71 -1.10
N SER B 73 -1.44 -16.99 -0.13
CA SER B 73 -1.81 -17.84 1.00
C SER B 73 -0.98 -17.44 2.21
N ARG B 74 -1.25 -18.08 3.35
CA ARG B 74 -0.51 -17.79 4.56
C ARG B 74 -0.55 -18.95 5.53
N ASP B 75 0.46 -19.00 6.39
CA ASP B 75 0.58 -20.02 7.43
C ASP B 75 0.76 -19.24 8.72
N ASN B 76 -0.33 -19.11 9.47
CA ASN B 76 -0.29 -18.35 10.72
C ASN B 76 0.38 -19.07 11.88
N SER B 77 0.89 -20.27 11.63
CA SER B 77 1.57 -21.02 12.67
C SER B 77 3.05 -20.67 12.57
N LYS B 78 3.47 -20.32 11.36
CA LYS B 78 4.85 -19.93 11.09
C LYS B 78 4.91 -18.42 10.89
N ASN B 79 3.75 -17.78 10.97
CA ASN B 79 3.65 -16.33 10.77
C ASN B 79 4.34 -15.92 9.48
N THR B 80 3.95 -16.60 8.40
CA THR B 80 4.51 -16.33 7.08
C THR B 80 3.36 -16.10 6.09
N VAL B 81 3.66 -15.41 5.01
CA VAL B 81 2.68 -15.14 3.96
C VAL B 81 3.37 -15.50 2.66
N TYR B 82 2.62 -16.05 1.71
CA TYR B 82 3.18 -16.48 0.44
C TYR B 82 2.43 -15.92 -0.76
N LEU B 83 3.12 -15.90 -1.90
CA LEU B 83 2.53 -15.48 -3.17
C LEU B 83 3.12 -16.40 -4.23
N GLN B 84 2.30 -17.34 -4.69
CA GLN B 84 2.75 -18.25 -5.74
C GLN B 84 2.42 -17.58 -7.06
N MET B 85 3.42 -17.40 -7.91
CA MET B 85 3.23 -16.76 -9.20
C MET B 85 3.51 -17.75 -10.33
N ASN B 86 2.52 -17.96 -11.19
CA ASN B 86 2.65 -18.91 -12.30
C ASN B 86 2.59 -18.22 -13.66
N SER B 87 3.00 -18.95 -14.70
CA SER B 87 2.99 -18.44 -16.06
C SER B 87 3.61 -17.05 -16.15
N LEU B 88 4.75 -16.89 -15.49
CA LEU B 88 5.44 -15.61 -15.45
C LEU B 88 5.91 -15.10 -16.81
N ARG B 89 5.77 -13.80 -17.01
CA ARG B 89 6.21 -13.17 -18.25
C ARG B 89 7.02 -11.91 -17.98
N ALA B 90 7.56 -11.33 -19.05
CA ALA B 90 8.38 -10.13 -18.94
C ALA B 90 7.76 -9.02 -18.10
N GLU B 91 6.45 -8.84 -18.19
CA GLU B 91 5.78 -7.80 -17.44
C GLU B 91 5.75 -8.04 -15.95
N ASP B 92 6.05 -9.26 -15.53
CA ASP B 92 6.06 -9.59 -14.11
C ASP B 92 7.40 -9.28 -13.45
N THR B 93 8.40 -8.95 -14.25
CA THR B 93 9.71 -8.59 -13.72
C THR B 93 9.50 -7.32 -12.90
N ALA B 94 9.90 -7.35 -11.63
CA ALA B 94 9.70 -6.19 -10.78
C ALA B 94 10.17 -6.46 -9.37
N VAL B 95 10.17 -5.43 -8.55
CA VAL B 95 10.52 -5.58 -7.14
C VAL B 95 9.18 -5.87 -6.48
N TYR B 96 9.12 -6.93 -5.68
CA TYR B 96 7.90 -7.31 -4.98
C TYR B 96 8.04 -7.03 -3.49
N TYR B 97 7.04 -6.33 -2.94
CA TYR B 97 7.03 -5.97 -1.53
C TYR B 97 5.88 -6.63 -0.80
N CYS B 98 6.13 -7.12 0.42
CA CYS B 98 5.06 -7.67 1.23
C CYS B 98 4.81 -6.55 2.25
N VAL B 99 3.55 -6.31 2.56
CA VAL B 99 3.20 -5.23 3.48
C VAL B 99 1.99 -5.61 4.33
N THR B 100 1.90 -5.01 5.52
CA THR B 100 0.73 -5.26 6.35
C THR B 100 -0.23 -4.16 5.91
N LEU B 101 -1.53 -4.43 6.02
CA LEU B 101 -2.52 -3.41 5.66
C LEU B 101 -2.89 -2.74 6.97
N PRO B 102 -2.99 -1.40 6.96
CA PRO B 102 -3.34 -0.65 8.16
C PRO B 102 -4.66 -0.98 8.83
N ASP B 103 -4.65 -0.99 10.15
CA ASP B 103 -5.84 -1.24 10.95
C ASP B 103 -6.47 0.13 11.18
N LEU B 104 -7.73 0.27 10.76
CA LEU B 104 -8.43 1.53 10.92
C LEU B 104 -9.09 1.61 12.28
N CYS B 105 -8.93 2.76 12.93
CA CYS B 105 -9.51 2.98 14.26
C CYS B 105 -10.82 3.75 14.18
N PRO B 106 -11.92 3.16 14.68
CA PRO B 106 -13.24 3.78 14.67
C PRO B 106 -13.31 4.79 15.82
N GLY B 107 -12.53 5.85 15.69
CA GLY B 107 -12.45 6.88 16.70
C GLY B 107 -10.98 7.13 16.97
N ASP B 108 -10.63 7.33 18.23
CA ASP B 108 -9.24 7.56 18.58
C ASP B 108 -8.83 6.63 19.72
N ASN B 109 -7.52 6.49 19.89
CA ASN B 109 -6.96 5.67 20.94
C ASN B 109 -7.17 4.17 20.89
N CYS B 110 -7.14 3.61 19.69
CA CYS B 110 -7.25 2.17 19.56
C CYS B 110 -5.83 1.72 19.91
N THR B 111 -5.63 0.42 20.07
CA THR B 111 -4.30 -0.07 20.43
C THR B 111 -3.68 -0.99 19.39
N TYR B 112 -4.02 -0.77 18.13
CA TYR B 112 -3.46 -1.58 17.06
C TYR B 112 -1.97 -1.33 16.91
N PRO B 113 -1.21 -2.37 16.52
CA PRO B 113 0.23 -2.21 16.33
C PRO B 113 0.43 -1.40 15.04
N ASP B 114 1.59 -0.78 14.86
CA ASP B 114 1.80 0.01 13.65
C ASP B 114 1.95 -0.88 12.42
N ALA B 115 1.62 -0.33 11.26
CA ALA B 115 1.71 -1.06 10.00
C ALA B 115 3.16 -1.04 9.54
N SER B 116 3.53 -1.98 8.69
CA SER B 116 4.91 -2.04 8.20
C SER B 116 5.02 -2.42 6.73
N TRP B 117 6.16 -2.07 6.14
CA TRP B 117 6.46 -2.36 4.73
C TRP B 117 7.74 -3.16 4.60
N GLY B 118 7.72 -4.16 3.72
CA GLY B 118 8.90 -4.95 3.48
C GLY B 118 9.91 -4.16 2.67
N GLN B 119 11.14 -4.65 2.62
CA GLN B 119 12.22 -4.00 1.89
C GLN B 119 12.10 -4.31 0.39
N GLY B 120 11.41 -5.40 0.07
CA GLY B 120 11.21 -5.80 -1.30
C GLY B 120 12.28 -6.75 -1.82
N THR B 121 11.92 -7.54 -2.82
CA THR B 121 12.85 -8.48 -3.41
C THR B 121 12.61 -8.49 -4.92
N MET B 122 13.71 -8.56 -5.69
CA MET B 122 13.62 -8.55 -7.13
C MET B 122 13.24 -9.87 -7.75
N VAL B 123 12.37 -9.82 -8.77
CA VAL B 123 11.97 -11.00 -9.50
C VAL B 123 12.28 -10.67 -10.95
N THR B 124 13.14 -11.46 -11.57
CA THR B 124 13.53 -11.23 -12.95
C THR B 124 13.11 -12.41 -13.83
N VAL B 125 12.20 -12.14 -14.76
CA VAL B 125 11.74 -13.18 -15.67
C VAL B 125 12.61 -13.12 -16.92
N SER B 126 13.56 -14.05 -17.02
CA SER B 126 14.47 -14.11 -18.15
C SER B 126 14.95 -15.53 -18.43
N SER B 127 15.28 -15.82 -19.68
CA SER B 127 15.75 -17.15 -20.05
C SER B 127 17.27 -17.16 -20.10
#